data_7ESM
#
_entry.id   7ESM
#
_cell.length_a   56.190
_cell.length_b   65.039
_cell.length_c   107.714
_cell.angle_alpha   90.000
_cell.angle_beta   90.000
_cell.angle_gamma   90.000
#
_symmetry.space_group_name_H-M   'P 21 21 21'
#
loop_
_entity.id
_entity.type
_entity.pdbx_description
1 polymer 'L-rhamnose-alpha-1,4-D-glucuronate lyase'
2 branched alpha-D-mannopyranose-(1-3)-beta-D-mannopyranose-(1-4)-2-acetamido-2-deoxy-beta-D-glucopyranose-(1-4)-2-acetamido-2-deoxy-beta-D-glucopyranose
3 non-polymer alpha-L-rhamnopyranose
4 non-polymer 'ACETATE ION'
5 non-polymer 'SODIUM ION'
6 water water
#
_entity_poly.entity_id   1
_entity_poly.type   'polypeptide(L)'
_entity_poly.pdbx_seq_one_letter_code
;EFLTVKSTKQWTIGTDVQGSERLNGVSYQEDALITYGDYQYVTFYETAPAGYLNHFVKVGRRRVSPSVGDWEFLTLDDYT
QKTMDGHNMISMGISGDGKIHLSFDHHDVPINYRISKNGIAKDVPSKWTSDLFDPVVHELVGSQGPYSPLTYPRFEPLGN
GDLLLEFRIGQSGSGDSYIHRYSASTGKWQAYGMYIQGDDNNAYINGLDYLDGKLYTSWTVRETPNADTNHGVYFAYSND
DGKTWFNTNDTKLTKPISTSDDSTLIWDIPQNSRMVNQEGQLIDTKGRFHILMRDLLSGEHQYQHYLRKADGTWTKNAIN
PAGLNGPDLYDPRGKLAGDASGEYLFGILPDPVKQSTGIYVATASKDFKDWKSLAEIPNTSTEPLFDKTRLHESGILSVF
VRQAGGFPDRKLQVWDFELDLLEQKLISEEDLNSAVDHHHHHH
;
_entity_poly.pdbx_strand_id   A
#
loop_
_chem_comp.id
_chem_comp.type
_chem_comp.name
_chem_comp.formula
ACT non-polymer 'ACETATE ION' 'C2 H3 O2 -1'
BMA D-saccharide, beta linking beta-D-mannopyranose 'C6 H12 O6'
MAN D-saccharide, alpha linking alpha-D-mannopyranose 'C6 H12 O6'
NA non-polymer 'SODIUM ION' 'Na 1'
NAG D-saccharide, beta linking 2-acetamido-2-deoxy-beta-D-glucopyranose 'C8 H15 N O6'
RAM L-saccharide, alpha linking alpha-L-rhamnopyranose 'C6 H12 O5'
#
# COMPACT_ATOMS: atom_id res chain seq x y z
N LEU A 3 -12.03 -4.86 -23.08
CA LEU A 3 -10.93 -4.00 -22.55
C LEU A 3 -9.58 -4.42 -23.09
N THR A 4 -8.85 -3.49 -23.67
CA THR A 4 -7.52 -3.80 -24.22
C THR A 4 -6.53 -2.71 -23.80
N VAL A 5 -5.25 -3.00 -23.97
CA VAL A 5 -4.16 -2.06 -23.71
C VAL A 5 -3.88 -1.26 -25.00
N LYS A 6 -4.08 0.06 -24.97
CA LYS A 6 -3.74 0.92 -26.11
C LYS A 6 -2.28 1.11 -26.33
N SER A 7 -1.49 1.22 -25.26
CA SER A 7 -0.05 1.38 -25.35
C SER A 7 0.56 0.96 -24.02
N THR A 8 1.79 0.53 -24.10
CA THR A 8 2.60 0.10 -22.97
C THR A 8 3.87 0.90 -23.01
N LYS A 9 4.25 1.57 -21.92
CA LYS A 9 5.51 2.35 -21.83
C LYS A 9 6.16 2.06 -20.46
N GLN A 10 7.48 2.20 -20.41
CA GLN A 10 8.21 2.02 -19.19
C GLN A 10 9.30 3.07 -19.12
N TRP A 11 9.73 3.36 -17.88
CA TRP A 11 10.82 4.26 -17.54
C TRP A 11 11.60 3.64 -16.48
N THR A 12 12.88 3.67 -16.60
CA THR A 12 13.83 3.32 -15.52
C THR A 12 14.10 4.54 -14.75
N ILE A 13 13.83 4.51 -13.43
CA ILE A 13 13.93 5.67 -12.60
C ILE A 13 15.09 5.60 -11.60
N GLY A 14 15.75 4.47 -11.44
CA GLY A 14 16.90 4.36 -10.60
C GLY A 14 17.46 2.96 -10.58
N THR A 15 18.60 2.79 -9.89
CA THR A 15 19.27 1.51 -9.70
C THR A 15 18.87 1.13 -8.31
N ASP A 16 18.33 -0.11 -8.17
CA ASP A 16 17.96 -0.59 -6.84
C ASP A 16 19.17 -0.77 -5.97
N VAL A 17 18.93 -0.76 -4.66
CA VAL A 17 19.99 -0.89 -3.68
C VAL A 17 20.41 -2.38 -3.44
N GLN A 18 21.66 -2.55 -3.07
CA GLN A 18 22.18 -3.88 -2.84
C GLN A 18 21.92 -4.41 -1.45
N GLY A 19 21.48 -5.65 -1.38
CA GLY A 19 21.37 -6.31 -0.13
C GLY A 19 20.44 -7.50 -0.13
N SER A 20 20.44 -8.19 1.02
CA SER A 20 19.68 -9.43 1.12
C SER A 20 18.19 -9.24 1.39
N GLU A 21 17.79 -7.97 1.56
CA GLU A 21 16.39 -7.61 1.73
C GLU A 21 15.97 -6.71 0.65
N ARG A 22 14.67 -6.71 0.34
CA ARG A 22 14.02 -5.80 -0.59
C ARG A 22 13.57 -4.54 0.21
N LEU A 23 14.14 -3.38 -0.07
CA LEU A 23 13.73 -2.09 0.53
C LEU A 23 12.82 -1.28 -0.35
N ASN A 24 12.81 -1.51 -1.65
CA ASN A 24 11.97 -0.83 -2.63
C ASN A 24 11.02 -1.82 -3.19
N GLY A 25 9.76 -1.44 -3.32
CA GLY A 25 8.73 -2.35 -3.90
C GLY A 25 8.22 -3.36 -2.92
N VAL A 26 7.79 -2.81 -1.77
CA VAL A 26 7.32 -3.60 -0.63
C VAL A 26 5.80 -3.38 -0.48
N SER A 27 5.10 -4.48 -0.15
CA SER A 27 3.69 -4.56 -0.24
C SER A 27 2.92 -3.46 0.51
N TYR A 28 3.44 -3.06 1.65
CA TYR A 28 2.80 -2.13 2.57
C TYR A 28 3.32 -0.71 2.41
N GLN A 29 4.01 -0.42 1.29
CA GLN A 29 4.16 0.98 0.92
C GLN A 29 2.86 1.62 0.56
N GLU A 30 2.48 2.66 1.30
CA GLU A 30 1.19 3.29 1.07
C GLU A 30 1.38 4.77 1.22
N ASP A 31 1.72 5.46 0.15
CA ASP A 31 1.97 4.89 -1.17
C ASP A 31 3.34 5.20 -1.70
N ALA A 32 3.72 4.55 -2.82
CA ALA A 32 5.00 4.84 -3.45
C ALA A 32 4.83 5.69 -4.72
N LEU A 33 3.66 5.71 -5.26
CA LEU A 33 3.49 6.32 -6.61
C LEU A 33 2.15 7.01 -6.61
N ILE A 34 2.14 8.33 -6.77
CA ILE A 34 0.94 9.15 -6.50
C ILE A 34 0.83 10.23 -7.53
N THR A 35 -0.40 10.35 -8.12
CA THR A 35 -0.68 11.49 -9.00
C THR A 35 -1.50 12.48 -8.15
N TYR A 36 -1.05 13.75 -8.19
CA TYR A 36 -1.78 14.84 -7.49
C TYR A 36 -1.75 16.05 -8.48
N GLY A 37 -2.97 16.51 -8.80
CA GLY A 37 -3.16 17.51 -9.90
C GLY A 37 -2.58 16.98 -11.20
N ASP A 38 -1.64 17.70 -11.76
CA ASP A 38 -1.14 17.42 -13.06
C ASP A 38 0.17 16.63 -13.05
N TYR A 39 0.66 16.25 -11.85
CA TYR A 39 1.99 15.65 -11.72
C TYR A 39 1.88 14.26 -11.00
N GLN A 40 2.82 13.43 -11.35
CA GLN A 40 3.03 12.14 -10.69
C GLN A 40 4.31 12.17 -9.92
N TYR A 41 4.30 11.56 -8.74
CA TYR A 41 5.40 11.53 -7.75
C TYR A 41 5.73 10.07 -7.41
N VAL A 42 6.99 9.84 -7.10
CA VAL A 42 7.42 8.48 -6.76
C VAL A 42 8.48 8.61 -5.69
N THR A 43 8.65 7.63 -4.80
CA THR A 43 9.73 7.69 -3.84
C THR A 43 10.39 6.31 -3.70
N PHE A 44 11.68 6.36 -3.49
CA PHE A 44 12.50 5.12 -3.44
C PHE A 44 13.83 5.43 -2.84
N TYR A 45 14.52 4.39 -2.44
CA TYR A 45 15.87 4.50 -1.95
C TYR A 45 16.84 4.33 -3.14
N GLU A 46 17.94 5.09 -3.09
CA GLU A 46 19.08 4.83 -3.94
C GLU A 46 20.36 4.84 -3.10
N THR A 47 21.40 4.20 -3.62
CA THR A 47 22.66 4.08 -2.88
C THR A 47 23.37 5.43 -2.75
N ALA A 48 23.76 5.77 -1.57
CA ALA A 48 24.50 7.01 -1.27
C ALA A 48 26.01 6.79 -1.59
N PRO A 49 26.77 7.91 -1.60
CA PRO A 49 28.19 7.74 -1.97
C PRO A 49 29.04 6.91 -1.08
N ALA A 50 28.67 6.74 0.17
CA ALA A 50 29.33 5.80 1.11
C ALA A 50 29.20 4.36 0.61
N GLY A 51 28.25 4.08 -0.32
CA GLY A 51 28.15 2.77 -0.93
C GLY A 51 27.24 1.80 -0.17
N TYR A 52 27.50 0.50 -0.33
CA TYR A 52 26.79 -0.60 0.33
C TYR A 52 26.34 -0.28 1.78
N LEU A 53 25.02 -0.46 1.99
CA LEU A 53 24.32 -0.25 3.25
C LEU A 53 24.28 1.22 3.61
N ASN A 54 24.27 2.10 2.64
CA ASN A 54 24.02 3.53 2.91
C ASN A 54 23.11 3.99 1.81
N HIS A 55 21.90 4.43 2.14
CA HIS A 55 20.93 4.84 1.12
C HIS A 55 20.30 6.19 1.47
N PHE A 56 19.89 6.88 0.45
CA PHE A 56 19.06 8.11 0.62
C PHE A 56 17.70 7.91 -0.01
N VAL A 57 16.69 8.53 0.61
CA VAL A 57 15.42 8.65 -0.02
C VAL A 57 15.49 9.64 -1.18
N LYS A 58 14.92 9.27 -2.31
CA LYS A 58 14.68 10.12 -3.49
C LYS A 58 13.23 10.35 -3.69
N VAL A 59 12.88 11.46 -4.29
CA VAL A 59 11.57 11.71 -4.70
C VAL A 59 11.57 12.17 -6.14
N GLY A 60 10.83 11.49 -6.99
CA GLY A 60 10.68 11.87 -8.41
C GLY A 60 9.41 12.61 -8.65
N ARG A 61 9.42 13.45 -9.69
CA ARG A 61 8.19 14.03 -10.18
C ARG A 61 8.22 14.08 -11.68
N ARG A 62 7.07 13.93 -12.27
CA ARG A 62 6.93 14.30 -13.70
C ARG A 62 5.55 14.86 -13.92
N ARG A 63 5.45 15.71 -14.92
CA ARG A 63 4.13 16.11 -15.38
C ARG A 63 3.47 14.98 -16.14
N VAL A 64 2.18 14.76 -15.87
CA VAL A 64 1.40 13.72 -16.58
C VAL A 64 0.19 14.29 -17.31
N SER A 65 -0.23 15.51 -16.95
CA SER A 65 -1.38 16.17 -17.63
C SER A 65 -0.98 17.60 -17.91
N PRO A 66 -1.40 18.16 -19.06
CA PRO A 66 -2.10 17.48 -20.15
C PRO A 66 -1.22 16.63 -21.04
N SER A 67 0.09 16.82 -20.96
CA SER A 67 1.06 15.95 -21.62
C SER A 67 1.96 15.37 -20.51
N VAL A 68 2.55 14.23 -20.82
CA VAL A 68 3.53 13.55 -19.97
C VAL A 68 4.90 14.15 -20.23
N GLY A 69 5.57 14.61 -19.18
CA GLY A 69 6.94 15.06 -19.27
C GLY A 69 7.96 14.10 -18.62
N ASP A 70 9.21 14.49 -18.63
CA ASP A 70 10.30 13.72 -18.14
C ASP A 70 10.39 13.71 -16.60
N TRP A 71 10.78 12.58 -16.10
CA TRP A 71 10.99 12.44 -14.68
C TRP A 71 12.11 13.35 -14.26
N GLU A 72 12.02 13.98 -13.10
CA GLU A 72 13.16 14.60 -12.46
C GLU A 72 13.17 14.13 -10.99
N PHE A 73 14.32 14.17 -10.36
CA PHE A 73 14.53 13.60 -9.02
C PHE A 73 15.24 14.55 -8.10
N LEU A 74 14.86 14.52 -6.80
CA LEU A 74 15.65 15.13 -5.76
C LEU A 74 16.15 14.03 -4.85
N THR A 75 17.26 14.27 -4.17
CA THR A 75 17.89 13.36 -3.25
C THR A 75 17.92 13.96 -1.90
N LEU A 76 17.35 13.26 -0.89
CA LEU A 76 17.32 13.70 0.46
C LEU A 76 18.58 13.17 1.16
N ASP A 77 19.66 13.92 1.00
CA ASP A 77 20.99 13.48 1.36
C ASP A 77 21.38 13.82 2.78
N ASP A 78 20.35 14.08 3.62
CA ASP A 78 20.53 14.37 5.03
C ASP A 78 20.07 13.28 6.00
N TYR A 79 19.63 12.13 5.49
CA TYR A 79 19.20 11.05 6.29
C TYR A 79 19.69 9.80 5.58
N THR A 80 20.60 9.09 6.25
CA THR A 80 21.16 7.87 5.72
C THR A 80 20.45 6.67 6.25
N GLN A 81 19.74 5.93 5.36
CA GLN A 81 19.12 4.63 5.66
C GLN A 81 20.23 3.59 5.63
N LYS A 82 20.33 2.81 6.72
CA LYS A 82 21.47 1.89 6.95
C LYS A 82 21.07 0.54 7.39
N THR A 83 19.81 0.28 7.59
CA THR A 83 19.33 -1.00 8.19
C THR A 83 18.81 -1.94 7.08
N MET A 84 19.51 -3.08 6.86
CA MET A 84 19.17 -4.02 5.83
C MET A 84 18.07 -4.95 6.32
N ASP A 85 16.88 -4.39 6.32
CA ASP A 85 15.65 -5.00 6.89
C ASP A 85 14.52 -4.62 5.93
N GLY A 86 13.86 -5.64 5.46
CA GLY A 86 12.81 -5.42 4.43
C GLY A 86 11.57 -4.72 4.97
N HIS A 87 11.49 -4.52 6.28
CA HIS A 87 10.44 -3.70 6.85
C HIS A 87 10.61 -2.24 6.55
N ASN A 88 11.82 -1.82 6.28
CA ASN A 88 12.23 -0.37 6.41
C ASN A 88 12.00 0.41 5.18
N MET A 89 10.81 0.27 4.69
CA MET A 89 10.35 0.93 3.45
C MET A 89 9.88 2.38 3.65
N ILE A 90 9.47 3.00 2.57
CA ILE A 90 9.04 4.37 2.54
C ILE A 90 7.57 4.43 2.11
N SER A 91 6.77 5.17 2.90
CA SER A 91 5.43 5.60 2.39
C SER A 91 5.34 7.08 2.23
N MET A 92 4.58 7.52 1.19
CA MET A 92 4.38 8.93 0.87
C MET A 92 2.91 9.22 0.86
N GLY A 93 2.59 10.47 1.22
CA GLY A 93 1.25 10.97 1.13
C GLY A 93 1.25 12.43 0.69
N ILE A 94 0.17 12.88 0.06
CA ILE A 94 0.09 14.23 -0.38
C ILE A 94 -1.28 14.79 0.07
N SER A 95 -1.25 15.85 0.88
CA SER A 95 -2.42 16.47 1.49
C SER A 95 -2.92 17.55 0.59
N GLY A 96 -4.13 18.08 0.91
CA GLY A 96 -4.81 19.00 -0.04
C GLY A 96 -4.30 20.42 0.07
N ASP A 97 -3.35 20.69 0.95
CA ASP A 97 -2.57 21.87 0.89
C ASP A 97 -1.42 21.71 -0.07
N GLY A 98 -1.28 20.55 -0.70
CA GLY A 98 -0.20 20.29 -1.63
C GLY A 98 1.08 19.85 -0.95
N LYS A 99 1.11 19.65 0.36
CA LYS A 99 2.33 19.24 0.97
C LYS A 99 2.59 17.74 0.82
N ILE A 100 3.85 17.37 0.62
CA ILE A 100 4.23 15.99 0.45
C ILE A 100 4.87 15.51 1.71
N HIS A 101 4.37 14.38 2.22
CA HIS A 101 4.78 13.78 3.51
C HIS A 101 5.49 12.46 3.21
N LEU A 102 6.52 12.16 4.00
CA LEU A 102 7.25 10.92 3.85
C LEU A 102 7.48 10.32 5.21
N SER A 103 7.29 9.00 5.34
CA SER A 103 7.63 8.31 6.57
C SER A 103 8.36 7.05 6.18
N PHE A 104 9.44 6.66 6.90
CA PHE A 104 10.33 5.68 6.32
C PHE A 104 11.22 5.07 7.39
N ASP A 105 11.82 3.94 6.98
CA ASP A 105 12.93 3.36 7.70
C ASP A 105 12.59 2.87 9.11
N HIS A 106 11.52 2.05 9.21
CA HIS A 106 11.15 1.55 10.54
C HIS A 106 11.02 0.04 10.62
N HIS A 107 11.66 -0.50 11.66
CA HIS A 107 11.32 -1.82 12.23
C HIS A 107 11.37 -1.72 13.72
N ASP A 108 10.22 -1.46 14.31
CA ASP A 108 10.08 -1.42 15.79
C ASP A 108 11.02 -0.32 16.35
N VAL A 109 10.95 0.87 15.83
CA VAL A 109 11.77 2.03 16.20
C VAL A 109 10.88 3.30 16.21
N PRO A 110 11.40 4.43 16.68
CA PRO A 110 10.61 5.62 16.65
C PRO A 110 10.34 6.14 15.26
N ILE A 111 9.24 6.82 15.14
CA ILE A 111 8.87 7.38 13.84
C ILE A 111 9.96 8.23 13.22
N ASN A 112 10.06 8.16 11.89
CA ASN A 112 10.88 9.01 11.06
C ASN A 112 9.95 9.58 10.06
N TYR A 113 9.76 10.91 10.08
CA TYR A 113 8.74 11.63 9.24
C TYR A 113 9.32 12.93 8.73
N ARG A 114 8.95 13.34 7.52
CA ARG A 114 9.25 14.70 7.15
C ARG A 114 8.17 15.16 6.19
N ILE A 115 8.14 16.46 5.98
CA ILE A 115 7.16 17.13 5.17
C ILE A 115 7.83 18.18 4.28
N SER A 116 7.25 18.45 3.15
CA SER A 116 7.71 19.59 2.35
C SER A 116 7.44 20.90 3.15
N LYS A 117 8.29 21.92 2.95
CA LYS A 117 8.08 23.25 3.60
C LYS A 117 6.84 23.93 3.10
N ASN A 118 6.61 23.85 1.84
CA ASN A 118 5.41 24.47 1.18
C ASN A 118 4.57 23.44 0.49
N GLY A 119 3.43 23.88 -0.11
CA GLY A 119 2.53 22.97 -0.75
C GLY A 119 2.96 22.74 -2.12
N ILE A 120 4.08 22.09 -2.30
CA ILE A 120 4.69 21.98 -3.63
C ILE A 120 3.94 21.19 -4.67
N ALA A 121 2.94 20.37 -4.28
CA ALA A 121 2.13 19.68 -5.23
C ALA A 121 0.93 20.53 -5.69
N LYS A 122 0.66 21.65 -4.97
CA LYS A 122 -0.41 22.58 -5.36
C LYS A 122 0.14 23.76 -6.14
N ASP A 123 1.03 24.49 -5.49
CA ASP A 123 1.79 25.65 -6.04
C ASP A 123 3.13 25.06 -6.42
N VAL A 124 3.22 24.63 -7.66
CA VAL A 124 4.24 23.71 -8.16
C VAL A 124 5.51 24.50 -8.48
N PRO A 125 6.61 24.23 -7.78
CA PRO A 125 7.82 25.01 -8.03
C PRO A 125 8.47 24.57 -9.32
N SER A 126 9.13 25.49 -9.96
CA SER A 126 10.05 25.16 -11.04
C SER A 126 11.10 24.20 -10.69
N LYS A 127 11.80 24.49 -9.61
CA LYS A 127 12.94 23.73 -9.25
C LYS A 127 12.67 22.67 -8.23
N TRP A 128 13.10 21.47 -8.61
CA TRP A 128 12.81 20.26 -7.85
C TRP A 128 14.08 19.84 -7.12
N THR A 129 14.20 20.24 -5.86
CA THR A 129 15.44 20.04 -5.08
C THR A 129 15.14 19.67 -3.70
N SER A 130 16.15 19.14 -3.01
CA SER A 130 16.00 18.72 -1.65
C SER A 130 15.65 19.78 -0.67
N ASP A 131 16.00 21.02 -0.92
CA ASP A 131 15.67 22.06 0.02
C ASP A 131 14.17 22.42 0.04
N LEU A 132 13.35 21.77 -0.85
CA LEU A 132 11.91 21.84 -0.64
C LEU A 132 11.41 21.02 0.58
N PHE A 133 12.24 20.21 1.26
CA PHE A 133 11.79 19.40 2.37
C PHE A 133 12.36 19.85 3.67
N ASP A 134 11.54 19.91 4.71
CA ASP A 134 12.00 20.07 6.06
C ASP A 134 12.75 18.93 6.61
N PRO A 135 13.46 19.12 7.73
CA PRO A 135 14.23 18.05 8.30
C PRO A 135 13.38 16.88 8.76
N VAL A 136 14.05 15.73 8.95
CA VAL A 136 13.44 14.56 9.62
C VAL A 136 13.18 14.81 11.09
N VAL A 137 11.95 14.51 11.50
CA VAL A 137 11.51 14.65 12.85
C VAL A 137 10.95 13.31 13.28
N HIS A 138 10.75 13.20 14.58
CA HIS A 138 10.42 11.97 15.29
C HIS A 138 9.16 12.11 16.13
N GLU A 139 8.23 12.87 15.56
CA GLU A 139 6.94 13.18 16.17
C GLU A 139 6.08 13.77 15.14
N LEU A 140 4.81 13.99 15.47
CA LEU A 140 3.84 14.59 14.57
C LEU A 140 3.29 15.84 15.26
N VAL A 141 3.73 17.02 14.81
CA VAL A 141 3.45 18.25 15.49
C VAL A 141 1.99 18.47 15.62
N GLY A 142 1.52 18.72 16.86
CA GLY A 142 0.12 18.89 17.20
C GLY A 142 -0.47 17.65 17.83
N SER A 143 0.17 16.49 17.60
CA SER A 143 -0.33 15.26 18.10
C SER A 143 0.48 14.76 19.26
N GLN A 144 0.36 13.50 19.59
CA GLN A 144 1.10 12.92 20.68
C GLN A 144 1.49 11.47 20.43
N GLY A 145 2.42 10.91 21.20
CA GLY A 145 2.87 9.59 21.02
C GLY A 145 1.83 8.59 21.57
N PRO A 146 2.13 7.30 21.58
CA PRO A 146 3.47 6.77 21.33
C PRO A 146 3.89 6.75 19.85
N TYR A 147 5.15 7.10 19.63
CA TYR A 147 5.79 7.09 18.30
C TYR A 147 6.76 5.93 18.13
N SER A 148 6.87 5.07 19.16
CA SER A 148 7.75 3.93 19.13
C SER A 148 7.19 2.79 19.97
N PRO A 149 7.45 1.53 19.70
CA PRO A 149 8.19 0.97 18.54
C PRO A 149 7.23 0.92 17.34
N LEU A 150 7.64 1.63 16.31
CA LEU A 150 6.77 1.80 15.13
C LEU A 150 7.22 0.93 13.97
N THR A 151 6.22 0.29 13.31
CA THR A 151 6.48 -0.36 12.02
C THR A 151 5.28 -0.03 11.10
N TYR A 152 5.51 0.05 9.82
CA TYR A 152 4.43 0.11 8.81
C TYR A 152 3.67 1.38 8.70
N PRO A 153 4.37 2.49 8.42
CA PRO A 153 3.61 3.70 8.15
C PRO A 153 2.75 3.64 6.87
N ARG A 154 1.50 4.02 6.97
CA ARG A 154 0.57 4.03 5.86
C ARG A 154 -0.16 5.34 5.88
N PHE A 155 -0.24 5.99 4.72
CA PHE A 155 -0.97 7.21 4.52
C PHE A 155 -2.26 6.99 3.81
N GLU A 156 -3.32 7.75 4.17
CA GLU A 156 -4.54 7.72 3.36
C GLU A 156 -5.08 9.14 3.26
N PRO A 157 -5.26 9.66 2.05
CA PRO A 157 -5.82 10.98 1.86
C PRO A 157 -7.34 10.96 2.02
N LEU A 158 -7.85 11.91 2.80
CA LEU A 158 -9.28 12.04 3.11
C LEU A 158 -9.90 13.05 2.16
N GLY A 159 -11.22 13.16 2.27
CA GLY A 159 -11.92 13.98 1.31
C GLY A 159 -11.84 15.50 1.47
N ASN A 160 -11.43 15.97 2.63
CA ASN A 160 -11.30 17.37 2.93
C ASN A 160 -9.86 17.89 2.75
N GLY A 161 -8.97 17.08 2.12
CA GLY A 161 -7.55 17.42 1.93
C GLY A 161 -6.71 16.88 3.10
N ASP A 162 -7.29 16.44 4.20
CA ASP A 162 -6.55 15.91 5.30
C ASP A 162 -5.91 14.56 4.94
N LEU A 163 -5.03 14.10 5.83
CA LEU A 163 -4.30 12.88 5.56
C LEU A 163 -4.20 12.10 6.80
N LEU A 164 -4.51 10.81 6.73
CA LEU A 164 -4.23 9.91 7.87
C LEU A 164 -2.88 9.33 7.75
N LEU A 165 -2.28 9.11 8.89
CA LEU A 165 -1.10 8.29 9.00
C LEU A 165 -1.34 7.24 10.08
N GLU A 166 -1.15 5.99 9.71
CA GLU A 166 -1.51 4.83 10.47
C GLU A 166 -0.28 3.93 10.59
N PHE A 167 -0.10 3.27 11.71
CA PHE A 167 1.02 2.41 11.86
C PHE A 167 0.81 1.52 13.08
N ARG A 168 1.65 0.49 13.25
CA ARG A 168 1.65 -0.39 14.41
C ARG A 168 2.66 0.13 15.45
N ILE A 169 2.24 0.12 16.71
CA ILE A 169 3.12 0.35 17.85
C ILE A 169 3.16 -0.96 18.61
N GLY A 170 4.35 -1.52 18.71
CA GLY A 170 4.59 -2.79 19.44
C GLY A 170 5.42 -3.64 18.57
N GLN A 171 5.08 -4.91 18.40
CA GLN A 171 5.92 -5.85 17.68
C GLN A 171 5.03 -6.94 17.10
N SER A 172 5.66 -7.70 16.24
CA SER A 172 4.96 -8.86 15.65
C SER A 172 4.52 -9.80 16.75
N GLY A 173 3.28 -10.18 16.80
CA GLY A 173 2.85 -11.05 17.89
C GLY A 173 2.41 -10.32 19.13
N SER A 174 2.56 -9.02 19.20
CA SER A 174 2.09 -8.24 20.34
C SER A 174 2.12 -6.76 20.05
N GLY A 175 1.04 -6.25 19.47
CA GLY A 175 1.06 -4.89 19.08
C GLY A 175 -0.32 -4.39 18.77
N ASP A 176 -0.40 -3.05 18.64
CA ASP A 176 -1.62 -2.27 18.48
C ASP A 176 -1.38 -1.34 17.32
N SER A 177 -2.45 -0.83 16.76
CA SER A 177 -2.30 0.17 15.73
C SER A 177 -2.96 1.47 16.08
N TYR A 178 -2.44 2.57 15.57
CA TYR A 178 -2.88 3.94 15.81
C TYR A 178 -3.17 4.70 14.52
N ILE A 179 -3.96 5.76 14.58
CA ILE A 179 -4.19 6.67 13.51
C ILE A 179 -3.93 8.08 14.01
N HIS A 180 -3.31 8.84 13.13
CA HIS A 180 -3.10 10.31 13.36
C HIS A 180 -3.69 11.01 12.18
N ARG A 181 -4.20 12.19 12.38
CA ARG A 181 -4.79 12.92 11.28
C ARG A 181 -4.14 14.28 11.07
N TYR A 182 -3.71 14.56 9.88
CA TYR A 182 -3.08 15.84 9.53
C TYR A 182 -4.15 16.73 8.91
N SER A 183 -4.28 17.94 9.47
CA SER A 183 -5.24 18.94 8.94
C SER A 183 -4.52 19.77 7.90
N ALA A 184 -5.00 19.75 6.69
CA ALA A 184 -4.53 20.60 5.64
C ALA A 184 -4.81 22.08 5.90
N SER A 185 -5.83 22.35 6.71
CA SER A 185 -6.18 23.77 6.99
C SER A 185 -5.24 24.35 8.03
N THR A 186 -4.80 23.59 9.00
CA THR A 186 -3.96 24.16 10.02
C THR A 186 -2.52 23.74 10.02
N GLY A 187 -2.24 22.66 9.29
CA GLY A 187 -0.92 22.01 9.30
C GLY A 187 -0.51 21.28 10.54
N LYS A 188 -1.46 21.00 11.42
CA LYS A 188 -1.23 20.29 12.65
C LYS A 188 -1.80 18.86 12.50
N TRP A 189 -1.13 17.98 13.17
CA TRP A 189 -1.62 16.60 13.35
C TRP A 189 -2.40 16.51 14.61
N GLN A 190 -3.34 15.59 14.64
CA GLN A 190 -4.03 15.23 15.87
C GLN A 190 -4.12 13.73 16.01
N ALA A 191 -4.13 13.26 17.22
CA ALA A 191 -4.23 11.84 17.54
C ALA A 191 -5.59 11.33 17.55
N TYR A 192 -5.88 10.35 16.71
CA TYR A 192 -7.15 9.56 16.86
C TYR A 192 -7.01 8.43 17.82
N GLY A 193 -5.80 8.13 18.25
CA GLY A 193 -5.58 7.15 19.24
C GLY A 193 -5.45 5.72 18.72
N MET A 194 -5.46 4.76 19.60
CA MET A 194 -5.36 3.41 19.22
C MET A 194 -6.68 2.99 18.62
N TYR A 195 -6.67 2.33 17.44
CA TYR A 195 -7.94 1.92 16.83
C TYR A 195 -8.07 0.44 16.72
N ILE A 196 -6.99 -0.30 16.84
CA ILE A 196 -7.05 -1.75 17.02
CA ILE A 196 -6.97 -1.78 16.94
C ILE A 196 -5.99 -2.17 18.00
N GLN A 197 -6.40 -3.03 18.88
CA GLN A 197 -5.59 -3.46 20.04
C GLN A 197 -5.38 -4.92 19.89
N GLY A 198 -4.13 -5.39 19.98
CA GLY A 198 -3.84 -6.76 20.04
C GLY A 198 -4.16 -7.38 21.41
N ASP A 199 -4.07 -8.69 21.45
CA ASP A 199 -4.32 -9.46 22.70
C ASP A 199 -3.33 -10.60 22.67
N ASP A 200 -2.11 -10.27 23.03
CA ASP A 200 -0.94 -11.15 22.85
CA ASP A 200 -0.99 -11.18 22.87
C ASP A 200 -0.86 -11.62 21.40
N ASN A 201 -1.16 -10.67 20.52
CA ASN A 201 -1.06 -10.90 19.07
C ASN A 201 -1.04 -9.50 18.46
N ASN A 202 -1.03 -9.41 17.13
CA ASN A 202 -1.20 -8.14 16.45
C ASN A 202 -2.01 -8.31 15.23
N ALA A 203 -2.81 -7.33 14.93
CA ALA A 203 -3.46 -7.22 13.66
C ALA A 203 -2.51 -6.73 12.54
N TYR A 204 -2.60 -7.34 11.39
CA TYR A 204 -1.87 -6.93 10.19
C TYR A 204 -2.87 -6.47 9.17
N ILE A 205 -3.08 -5.16 9.00
CA ILE A 205 -3.98 -4.66 8.00
C ILE A 205 -3.42 -4.76 6.63
N ASN A 206 -4.32 -4.78 5.64
CA ASN A 206 -3.96 -4.89 4.25
C ASN A 206 -3.78 -3.56 3.55
N GLY A 207 -4.20 -2.49 4.19
CA GLY A 207 -4.21 -1.18 3.61
C GLY A 207 -5.30 -0.32 4.26
N LEU A 208 -5.42 0.91 3.74
CA LEU A 208 -6.55 1.78 4.08
C LEU A 208 -7.16 2.17 2.79
N ASP A 209 -8.50 2.20 2.79
CA ASP A 209 -9.27 2.58 1.63
C ASP A 209 -10.35 3.49 2.06
N TYR A 210 -10.25 4.72 1.54
CA TYR A 210 -11.29 5.73 1.83
C TYR A 210 -12.06 6.02 0.55
N LEU A 211 -13.38 6.18 0.71
CA LEU A 211 -14.24 6.51 -0.45
C LEU A 211 -15.54 7.10 0.08
N ASP A 212 -15.86 8.29 -0.48
CA ASP A 212 -17.13 8.96 -0.13
C ASP A 212 -17.47 8.93 1.34
N GLY A 213 -16.51 9.39 2.17
CA GLY A 213 -16.72 9.52 3.57
C GLY A 213 -16.65 8.32 4.45
N LYS A 214 -16.26 7.17 3.85
CA LYS A 214 -16.09 5.90 4.62
C LYS A 214 -14.67 5.37 4.42
N LEU A 215 -14.16 4.89 5.50
CA LEU A 215 -12.79 4.34 5.57
C LEU A 215 -12.92 2.85 5.83
N TYR A 216 -12.23 2.05 5.01
CA TYR A 216 -12.32 0.56 5.08
C TYR A 216 -10.96 -0.05 5.36
N THR A 217 -10.92 -1.07 6.16
CA THR A 217 -9.74 -1.88 6.30
C THR A 217 -10.09 -3.32 6.56
N SER A 218 -9.10 -4.19 6.31
CA SER A 218 -9.19 -5.60 6.48
C SER A 218 -7.84 -6.08 7.05
N TRP A 219 -7.83 -7.21 7.75
CA TRP A 219 -6.66 -7.71 8.36
C TRP A 219 -6.66 -9.17 8.63
N THR A 220 -5.50 -9.69 9.00
CA THR A 220 -5.35 -10.96 9.64
C THR A 220 -4.72 -10.76 11.00
N VAL A 221 -4.84 -11.76 11.85
CA VAL A 221 -4.24 -11.65 13.16
C VAL A 221 -3.09 -12.61 13.30
N ARG A 222 -1.97 -12.10 13.79
CA ARG A 222 -0.73 -12.84 13.91
C ARG A 222 -0.46 -13.11 15.38
N GLU A 223 -0.33 -14.37 15.73
CA GLU A 223 -0.04 -14.75 17.15
C GLU A 223 1.41 -14.53 17.54
N THR A 224 2.34 -14.88 16.70
CA THR A 224 3.77 -14.87 17.06
C THR A 224 4.60 -14.29 15.89
N PRO A 225 5.91 -14.11 16.08
CA PRO A 225 6.75 -13.66 15.01
C PRO A 225 6.90 -14.69 13.90
N ASN A 226 6.40 -15.91 14.02
CA ASN A 226 6.37 -16.90 12.96
C ASN A 226 5.16 -16.59 12.07
N ALA A 227 5.42 -16.36 10.79
CA ALA A 227 4.36 -15.98 9.84
C ALA A 227 3.32 -17.07 9.58
N ASP A 228 3.61 -18.29 9.99
CA ASP A 228 2.59 -19.34 9.95
C ASP A 228 1.43 -19.15 10.92
N THR A 229 1.61 -18.22 11.87
CA THR A 229 0.61 -18.02 12.93
C THR A 229 -0.40 -16.95 12.62
N ASN A 230 -0.53 -16.53 11.33
CA ASN A 230 -1.67 -15.72 10.96
C ASN A 230 -2.97 -16.51 10.94
N HIS A 231 -4.05 -15.89 11.32
CA HIS A 231 -5.38 -16.53 11.22
C HIS A 231 -6.45 -15.50 11.07
N GLY A 232 -7.44 -15.89 10.26
CA GLY A 232 -8.62 -15.11 9.98
C GLY A 232 -8.49 -14.02 9.01
N VAL A 233 -9.59 -13.69 8.37
CA VAL A 233 -9.72 -12.51 7.54
C VAL A 233 -10.77 -11.67 8.17
N TYR A 234 -10.48 -10.43 8.49
CA TYR A 234 -11.31 -9.53 9.25
C TYR A 234 -11.58 -8.27 8.43
N PHE A 235 -12.65 -7.55 8.76
CA PHE A 235 -13.04 -6.31 8.15
C PHE A 235 -13.73 -5.35 9.08
N ALA A 236 -13.49 -4.08 8.91
CA ALA A 236 -14.28 -3.07 9.56
C ALA A 236 -14.25 -1.82 8.71
N TYR A 237 -15.25 -0.98 8.95
CA TYR A 237 -15.27 0.34 8.37
C TYR A 237 -15.67 1.41 9.39
N SER A 238 -15.34 2.64 9.02
CA SER A 238 -15.65 3.82 9.82
C SER A 238 -16.30 4.84 8.93
N ASN A 239 -17.27 5.57 9.53
CA ASN A 239 -17.94 6.70 8.86
C ASN A 239 -17.40 8.05 9.30
N ASP A 240 -16.38 8.05 10.14
CA ASP A 240 -15.84 9.30 10.73
C ASP A 240 -14.32 9.38 10.68
N ASP A 241 -13.78 8.79 9.61
CA ASP A 241 -12.32 8.83 9.31
C ASP A 241 -11.47 8.13 10.30
N GLY A 242 -11.99 7.17 11.02
CA GLY A 242 -11.10 6.41 11.90
C GLY A 242 -11.41 6.47 13.35
N LYS A 243 -12.37 7.32 13.75
CA LYS A 243 -12.64 7.49 15.16
C LYS A 243 -13.45 6.37 15.78
N THR A 244 -14.50 6.00 15.05
CA THR A 244 -15.38 4.89 15.41
C THR A 244 -15.58 3.96 14.23
N TRP A 245 -15.81 2.71 14.56
CA TRP A 245 -15.76 1.61 13.57
C TRP A 245 -16.99 0.68 13.73
N PHE A 246 -17.33 0.10 12.61
CA PHE A 246 -18.47 -0.85 12.45
C PHE A 246 -17.98 -2.12 11.84
N ASN A 247 -18.63 -3.26 12.11
CA ASN A 247 -18.32 -4.52 11.42
C ASN A 247 -19.16 -4.53 10.15
N THR A 248 -19.05 -5.64 9.44
CA THR A 248 -19.68 -5.82 8.10
C THR A 248 -21.23 -5.75 8.15
N ASN A 249 -21.75 -6.03 9.32
CA ASN A 249 -23.23 -5.97 9.61
C ASN A 249 -23.68 -4.65 10.15
N ASP A 250 -22.87 -3.59 10.08
CA ASP A 250 -23.15 -2.28 10.64
C ASP A 250 -23.31 -2.27 12.16
N THR A 251 -22.78 -3.23 12.87
CA THR A 251 -22.78 -3.17 14.31
C THR A 251 -21.59 -2.31 14.78
N LYS A 252 -21.83 -1.26 15.55
CA LYS A 252 -20.74 -0.48 16.10
C LYS A 252 -19.89 -1.34 17.02
N LEU A 253 -18.57 -1.18 16.86
CA LEU A 253 -17.58 -1.86 17.67
C LEU A 253 -17.11 -0.94 18.82
N THR A 254 -16.51 -1.59 19.78
CA THR A 254 -15.71 -0.97 20.84
C THR A 254 -14.51 -0.29 20.27
N LYS A 255 -14.05 0.77 20.93
CA LYS A 255 -12.93 1.61 20.46
C LYS A 255 -11.94 1.38 21.57
N PRO A 256 -10.71 0.89 21.31
CA PRO A 256 -10.30 0.24 20.09
C PRO A 256 -10.97 -1.09 19.81
N ILE A 257 -10.92 -1.45 18.52
CA ILE A 257 -11.25 -2.81 18.04
C ILE A 257 -10.31 -3.78 18.70
N SER A 258 -10.75 -4.87 19.31
CA SER A 258 -9.85 -5.88 19.83
C SER A 258 -9.69 -6.98 18.79
N THR A 259 -8.48 -7.52 18.71
CA THR A 259 -8.30 -8.68 17.84
C THR A 259 -9.03 -9.92 18.42
N SER A 260 -9.48 -9.79 19.68
CA SER A 260 -10.30 -10.85 20.36
C SER A 260 -11.78 -10.76 19.97
N ASP A 261 -12.21 -9.69 19.33
CA ASP A 261 -13.60 -9.49 19.00
C ASP A 261 -13.81 -10.26 17.69
N ASP A 262 -14.47 -11.44 17.76
CA ASP A 262 -14.72 -12.21 16.55
CA ASP A 262 -14.74 -12.24 16.57
C ASP A 262 -15.80 -11.60 15.66
N SER A 263 -16.47 -10.54 16.10
CA SER A 263 -17.54 -9.93 15.32
C SER A 263 -17.11 -9.22 14.05
N THR A 264 -15.78 -9.08 13.89
CA THR A 264 -15.22 -8.56 12.62
C THR A 264 -14.67 -9.60 11.70
N LEU A 265 -14.79 -10.87 12.08
CA LEU A 265 -14.31 -11.97 11.28
C LEU A 265 -15.21 -12.11 10.07
N ILE A 266 -14.69 -12.14 8.86
CA ILE A 266 -15.49 -12.38 7.68
C ILE A 266 -15.14 -13.71 7.03
N TRP A 267 -14.03 -14.34 7.37
CA TRP A 267 -13.68 -15.65 6.83
C TRP A 267 -12.81 -16.37 7.83
N ASP A 268 -13.09 -17.64 8.15
CA ASP A 268 -12.26 -18.40 9.07
C ASP A 268 -11.12 -19.03 8.27
N ILE A 269 -9.89 -18.62 8.56
CA ILE A 269 -8.68 -19.16 7.98
C ILE A 269 -7.78 -19.52 9.10
N PRO A 270 -7.54 -20.79 9.35
CA PRO A 270 -6.70 -21.20 10.40
C PRO A 270 -5.22 -20.80 10.23
N GLN A 271 -4.50 -20.94 11.32
CA GLN A 271 -3.07 -20.89 11.25
C GLN A 271 -2.55 -22.02 10.42
N ASN A 272 -1.36 -21.88 9.84
CA ASN A 272 -0.77 -22.88 8.95
C ASN A 272 -1.52 -23.04 7.61
N SER A 273 -2.25 -22.06 7.18
CA SER A 273 -2.92 -22.04 5.88
C SER A 273 -2.10 -21.48 4.80
N ARG A 274 -0.91 -20.94 5.13
CA ARG A 274 0.04 -20.36 4.18
C ARG A 274 -0.45 -19.08 3.64
N MET A 275 -1.29 -18.40 4.41
CA MET A 275 -1.82 -17.08 4.10
C MET A 275 -0.91 -15.97 4.68
N VAL A 276 -0.47 -15.02 3.87
CA VAL A 276 0.43 -13.92 4.34
C VAL A 276 -0.33 -12.71 4.74
N ASN A 277 0.25 -12.02 5.71
CA ASN A 277 -0.21 -10.70 6.16
C ASN A 277 0.17 -9.60 5.13
N GLN A 278 -0.62 -8.54 5.16
CA GLN A 278 -0.35 -7.31 4.45
C GLN A 278 -0.21 -7.53 2.96
N GLU A 279 -1.29 -8.08 2.32
CA GLU A 279 -1.33 -8.28 0.94
C GLU A 279 -2.06 -7.14 0.34
N GLY A 280 -3.34 -7.25 -0.04
CA GLY A 280 -4.01 -6.25 -0.83
C GLY A 280 -5.43 -6.03 -0.48
N GLN A 281 -5.91 -4.83 -0.61
CA GLN A 281 -7.32 -4.54 -0.46
C GLN A 281 -7.75 -3.42 -1.45
N LEU A 282 -9.06 -3.26 -1.64
CA LEU A 282 -9.59 -2.25 -2.49
C LEU A 282 -11.04 -1.97 -2.18
N ILE A 283 -11.36 -0.70 -1.96
CA ILE A 283 -12.75 -0.22 -2.15
C ILE A 283 -12.88 0.18 -3.56
N ASP A 284 -13.79 -0.47 -4.33
CA ASP A 284 -13.96 0.00 -5.71
C ASP A 284 -14.87 1.21 -5.66
N THR A 285 -15.02 1.87 -6.81
CA THR A 285 -15.75 3.12 -6.88
C THR A 285 -17.26 2.94 -6.76
N LYS A 286 -17.78 1.72 -6.78
CA LYS A 286 -19.17 1.43 -6.46
C LYS A 286 -19.32 0.96 -5.03
N GLY A 287 -18.27 1.06 -4.21
CA GLY A 287 -18.46 0.69 -2.83
C GLY A 287 -18.42 -0.76 -2.47
N ARG A 288 -17.98 -1.63 -3.39
CA ARG A 288 -17.78 -3.06 -3.08
C ARG A 288 -16.34 -3.17 -2.61
N PHE A 289 -16.17 -3.86 -1.48
CA PHE A 289 -14.85 -4.03 -0.91
C PHE A 289 -14.28 -5.37 -1.35
N HIS A 290 -12.98 -5.35 -1.62
CA HIS A 290 -12.25 -6.48 -2.08
C HIS A 290 -11.02 -6.72 -1.26
N ILE A 291 -10.68 -8.03 -1.06
CA ILE A 291 -9.43 -8.34 -0.32
C ILE A 291 -8.70 -9.35 -1.23
N LEU A 292 -7.39 -9.22 -1.40
CA LEU A 292 -6.50 -10.13 -2.01
C LEU A 292 -5.70 -10.77 -0.90
N MET A 293 -5.77 -12.11 -0.82
CA MET A 293 -4.89 -12.89 0.10
C MET A 293 -4.44 -14.15 -0.70
N ARG A 294 -3.98 -15.14 0.00
CA ARG A 294 -3.58 -16.42 -0.59
C ARG A 294 -3.73 -17.47 0.50
N ASP A 295 -3.85 -18.73 0.07
CA ASP A 295 -3.76 -19.86 1.01
C ASP A 295 -3.60 -21.18 0.20
N LEU A 296 -3.36 -22.25 0.97
CA LEU A 296 -3.18 -23.59 0.44
C LEU A 296 -4.43 -24.43 0.70
N LEU A 297 -5.50 -23.82 1.19
CA LEU A 297 -6.63 -24.60 1.72
C LEU A 297 -7.35 -25.48 0.69
N SER A 298 -7.25 -25.18 -0.60
CA SER A 298 -7.84 -25.99 -1.64
C SER A 298 -7.01 -27.20 -1.95
N GLY A 299 -5.79 -27.26 -1.41
CA GLY A 299 -4.81 -28.24 -1.86
C GLY A 299 -3.74 -27.73 -2.77
N GLU A 300 -3.93 -26.53 -3.31
CA GLU A 300 -2.89 -25.85 -4.02
C GLU A 300 -2.78 -24.40 -3.53
N HIS A 301 -1.56 -23.87 -3.60
CA HIS A 301 -1.35 -22.42 -3.27
C HIS A 301 -2.01 -21.62 -4.33
N GLN A 302 -2.95 -20.78 -3.89
CA GLN A 302 -3.55 -19.87 -4.82
C GLN A 302 -3.86 -18.47 -4.20
N TYR A 303 -3.74 -17.43 -5.01
CA TYR A 303 -4.34 -16.15 -4.72
C TYR A 303 -5.84 -16.27 -4.51
N GLN A 304 -6.37 -15.50 -3.56
CA GLN A 304 -7.76 -15.55 -3.16
C GLN A 304 -8.36 -14.16 -3.22
N HIS A 305 -9.55 -14.05 -3.81
CA HIS A 305 -10.29 -12.86 -3.85
C HIS A 305 -11.46 -12.91 -2.95
N TYR A 306 -11.53 -12.05 -1.94
CA TYR A 306 -12.68 -11.94 -1.04
C TYR A 306 -13.43 -10.74 -1.54
N LEU A 307 -14.77 -10.86 -1.64
CA LEU A 307 -15.65 -9.82 -2.13
C LEU A 307 -16.81 -9.59 -1.14
N ARG A 308 -16.98 -8.34 -0.73
CA ARG A 308 -18.09 -7.90 0.14
C ARG A 308 -19.13 -7.33 -0.82
N LYS A 309 -20.12 -8.18 -1.05
CA LYS A 309 -21.16 -7.89 -2.00
C LYS A 309 -22.10 -6.81 -1.48
N ALA A 310 -22.93 -6.32 -2.38
CA ALA A 310 -23.88 -5.23 -2.01
C ALA A 310 -25.00 -5.74 -1.10
N ASP A 311 -25.43 -7.02 -1.29
CA ASP A 311 -26.48 -7.64 -0.46
C ASP A 311 -25.95 -8.06 0.90
N GLY A 312 -24.70 -7.69 1.16
CA GLY A 312 -24.05 -7.90 2.41
C GLY A 312 -23.13 -9.11 2.45
N THR A 313 -23.41 -10.13 1.64
CA THR A 313 -22.72 -11.40 1.70
C THR A 313 -21.22 -11.24 1.25
N TRP A 314 -20.38 -11.95 1.95
CA TRP A 314 -19.01 -12.14 1.51
C TRP A 314 -18.92 -13.41 0.66
N THR A 315 -18.15 -13.32 -0.42
CA THR A 315 -17.72 -14.52 -1.18
C THR A 315 -16.18 -14.63 -1.26
N LYS A 316 -15.69 -15.81 -1.52
CA LYS A 316 -14.27 -16.06 -1.64
C LYS A 316 -14.09 -16.87 -2.87
N ASN A 317 -13.24 -16.46 -3.76
CA ASN A 317 -12.98 -17.15 -5.03
CA ASN A 317 -12.94 -17.25 -4.94
C ASN A 317 -11.50 -17.16 -5.36
N ALA A 318 -10.91 -18.28 -5.73
CA ALA A 318 -9.51 -18.34 -6.12
C ALA A 318 -9.33 -17.57 -7.35
N ILE A 319 -8.23 -16.81 -7.41
CA ILE A 319 -7.82 -16.20 -8.65
C ILE A 319 -6.92 -17.16 -9.38
N ASN A 320 -7.48 -17.89 -10.37
CA ASN A 320 -6.71 -18.94 -11.03
C ASN A 320 -6.81 -18.91 -12.53
N PRO A 321 -6.53 -17.80 -13.17
CA PRO A 321 -6.47 -17.75 -14.61
C PRO A 321 -5.33 -18.59 -15.15
N ALA A 322 -5.42 -19.05 -16.40
CA ALA A 322 -4.35 -19.88 -16.98
C ALA A 322 -3.01 -19.18 -16.87
N GLY A 323 -2.00 -19.90 -16.43
CA GLY A 323 -0.65 -19.41 -16.53
C GLY A 323 -0.12 -18.79 -15.24
N LEU A 324 -1.00 -18.55 -14.27
CA LEU A 324 -0.63 -17.84 -13.07
C LEU A 324 -0.19 -18.88 -12.06
N ASN A 325 1.00 -18.80 -11.56
CA ASN A 325 1.51 -19.68 -10.51
C ASN A 325 1.11 -19.15 -9.19
N GLY A 326 0.61 -20.00 -8.31
CA GLY A 326 0.09 -19.57 -7.07
C GLY A 326 1.18 -19.43 -6.07
N PRO A 327 1.08 -18.43 -5.20
CA PRO A 327 2.15 -18.14 -4.30
C PRO A 327 2.04 -18.78 -3.00
N ASP A 328 3.19 -19.12 -2.42
CA ASP A 328 3.29 -19.58 -1.01
C ASP A 328 3.51 -18.36 -0.08
N LEU A 329 3.52 -18.64 1.21
CA LEU A 329 3.51 -17.67 2.29
C LEU A 329 4.51 -16.50 2.04
N TYR A 330 5.72 -16.79 1.67
CA TYR A 330 6.83 -15.86 1.65
C TYR A 330 7.04 -15.25 0.31
N ASP A 331 6.28 -15.60 -0.70
CA ASP A 331 6.46 -15.07 -2.04
C ASP A 331 5.90 -13.61 -2.11
N PRO A 332 6.28 -12.83 -3.11
CA PRO A 332 5.82 -11.44 -3.23
C PRO A 332 4.33 -11.33 -3.21
N ARG A 333 3.85 -10.24 -2.66
CA ARG A 333 2.44 -9.93 -2.47
C ARG A 333 1.92 -9.01 -3.57
N GLY A 334 0.65 -9.18 -3.87
CA GLY A 334 0.02 -8.41 -4.90
C GLY A 334 -0.89 -7.31 -4.44
N LYS A 335 -1.56 -6.66 -5.40
CA LYS A 335 -2.53 -5.62 -5.12
C LYS A 335 -3.73 -5.72 -6.07
N LEU A 336 -4.80 -5.03 -5.69
CA LEU A 336 -6.02 -4.87 -6.55
C LEU A 336 -6.20 -3.42 -6.84
N ALA A 337 -6.53 -3.11 -8.11
CA ALA A 337 -6.80 -1.77 -8.54
C ALA A 337 -8.12 -1.73 -9.27
N GLY A 338 -8.71 -0.54 -9.32
CA GLY A 338 -10.01 -0.38 -9.97
C GLY A 338 -10.12 0.82 -10.82
N ASP A 339 -10.89 0.72 -11.91
CA ASP A 339 -11.06 1.89 -12.76
C ASP A 339 -12.11 2.83 -12.23
N ALA A 340 -12.24 3.97 -12.90
CA ALA A 340 -13.19 4.98 -12.46
C ALA A 340 -14.66 4.46 -12.38
N SER A 341 -15.04 3.61 -13.34
CA SER A 341 -16.41 3.10 -13.42
C SER A 341 -16.75 2.08 -12.35
N GLY A 342 -15.75 1.41 -11.77
CA GLY A 342 -16.06 0.31 -10.87
C GLY A 342 -16.32 -1.02 -11.57
N GLU A 343 -16.28 -1.04 -12.91
CA GLU A 343 -16.60 -2.28 -13.62
C GLU A 343 -15.37 -3.24 -13.67
N TYR A 344 -14.21 -2.63 -13.71
CA TYR A 344 -13.00 -3.40 -13.93
C TYR A 344 -12.13 -3.51 -12.68
N LEU A 345 -11.80 -4.73 -12.32
CA LEU A 345 -10.94 -5.07 -11.16
C LEU A 345 -9.67 -5.57 -11.72
N PHE A 346 -8.52 -4.98 -11.31
CA PHE A 346 -7.25 -5.41 -11.81
C PHE A 346 -6.51 -6.15 -10.72
N GLY A 347 -6.12 -7.40 -10.97
CA GLY A 347 -5.20 -8.09 -10.11
C GLY A 347 -3.80 -7.89 -10.60
N ILE A 348 -2.98 -7.28 -9.76
CA ILE A 348 -1.60 -6.91 -10.08
C ILE A 348 -0.76 -7.89 -9.28
N LEU A 349 -0.40 -9.02 -9.90
CA LEU A 349 -0.06 -10.23 -9.16
C LEU A 349 1.33 -10.69 -9.55
N PRO A 350 2.31 -10.61 -8.61
CA PRO A 350 3.61 -11.13 -8.93
C PRO A 350 3.53 -12.65 -8.98
N ASP A 351 4.27 -13.18 -9.97
CA ASP A 351 4.29 -14.65 -10.19
C ASP A 351 5.62 -15.18 -9.73
N PRO A 352 5.67 -16.08 -8.76
CA PRO A 352 6.97 -16.48 -8.22
C PRO A 352 7.72 -17.47 -9.10
N VAL A 353 7.05 -18.05 -10.07
CA VAL A 353 7.76 -18.91 -11.00
C VAL A 353 8.40 -18.06 -12.10
N LYS A 354 7.61 -17.20 -12.71
CA LYS A 354 8.03 -16.43 -13.84
C LYS A 354 8.98 -15.26 -13.49
N GLN A 355 9.02 -14.86 -12.21
CA GLN A 355 9.74 -13.63 -11.90
CA GLN A 355 9.68 -13.58 -11.83
C GLN A 355 9.24 -12.43 -12.75
N SER A 356 7.93 -12.21 -12.76
CA SER A 356 7.26 -11.17 -13.53
C SER A 356 6.02 -10.75 -12.73
N THR A 357 5.36 -9.68 -13.14
CA THR A 357 4.13 -9.22 -12.56
C THR A 357 3.07 -9.35 -13.57
N GLY A 358 2.03 -10.13 -13.28
CA GLY A 358 0.92 -10.26 -14.21
C GLY A 358 -0.15 -9.28 -13.90
N ILE A 359 -0.71 -8.66 -14.90
CA ILE A 359 -1.85 -7.78 -14.76
C ILE A 359 -3.03 -8.57 -15.33
N TYR A 360 -3.96 -8.89 -14.49
CA TYR A 360 -5.17 -9.68 -14.82
C TYR A 360 -6.39 -8.80 -14.58
N VAL A 361 -7.47 -9.01 -15.35
CA VAL A 361 -8.66 -8.19 -15.18
C VAL A 361 -9.87 -9.11 -15.05
N ALA A 362 -10.78 -8.72 -14.15
CA ALA A 362 -12.06 -9.35 -13.97
C ALA A 362 -13.10 -8.20 -14.05
N THR A 363 -14.36 -8.58 -14.29
CA THR A 363 -15.42 -7.58 -14.44
C THR A 363 -16.59 -7.79 -13.50
N ALA A 364 -17.21 -6.66 -13.11
CA ALA A 364 -18.27 -6.69 -12.13
C ALA A 364 -19.49 -7.42 -12.68
N SER A 365 -19.70 -7.30 -13.99
CA SER A 365 -20.79 -8.03 -14.65
C SER A 365 -20.75 -9.53 -14.54
N LYS A 366 -19.55 -10.08 -14.43
CA LYS A 366 -19.32 -11.47 -14.33
C LYS A 366 -19.01 -11.85 -12.93
N ASP A 367 -19.36 -11.00 -11.95
CA ASP A 367 -19.12 -11.29 -10.54
C ASP A 367 -17.62 -11.52 -10.30
N PHE A 368 -16.80 -10.85 -11.12
CA PHE A 368 -15.35 -10.91 -11.00
C PHE A 368 -14.80 -12.30 -11.06
N LYS A 369 -15.53 -13.22 -11.71
CA LYS A 369 -15.03 -14.60 -11.86
C LYS A 369 -14.19 -14.78 -13.14
N ASP A 370 -14.28 -13.84 -14.05
CA ASP A 370 -13.72 -13.90 -15.34
C ASP A 370 -12.30 -13.38 -15.46
N TRP A 371 -11.45 -13.85 -14.56
CA TRP A 371 -10.09 -13.34 -14.57
C TRP A 371 -9.40 -13.62 -15.89
N LYS A 372 -8.79 -12.63 -16.51
CA LYS A 372 -8.05 -12.80 -17.78
C LYS A 372 -6.76 -12.06 -17.78
N SER A 373 -5.74 -12.65 -18.38
CA SER A 373 -4.45 -12.01 -18.55
C SER A 373 -4.61 -10.82 -19.47
N LEU A 374 -4.23 -9.64 -19.00
CA LEU A 374 -4.30 -8.37 -19.74
C LEU A 374 -2.93 -7.86 -20.17
N ALA A 375 -1.93 -7.96 -19.29
CA ALA A 375 -0.60 -7.52 -19.60
C ALA A 375 0.38 -8.15 -18.57
N GLU A 376 1.65 -7.92 -18.77
CA GLU A 376 2.72 -8.50 -17.92
C GLU A 376 3.78 -7.44 -17.79
N ILE A 377 4.42 -7.33 -16.65
CA ILE A 377 5.60 -6.58 -16.51
C ILE A 377 6.68 -7.61 -16.32
N PRO A 378 7.57 -7.76 -17.31
CA PRO A 378 8.64 -8.77 -17.23
C PRO A 378 9.67 -8.43 -16.17
N ASN A 379 10.40 -9.46 -15.70
CA ASN A 379 11.64 -9.24 -14.90
C ASN A 379 11.36 -8.33 -13.70
N THR A 380 10.53 -8.88 -12.82
CA THR A 380 10.32 -8.24 -11.52
C THR A 380 10.59 -9.19 -10.37
N SER A 381 11.09 -8.56 -9.28
CA SER A 381 11.23 -9.18 -7.92
C SER A 381 10.76 -8.16 -6.95
N THR A 382 9.42 -8.04 -6.93
CA THR A 382 8.77 -6.87 -6.36
C THR A 382 7.39 -7.19 -5.91
N GLU A 383 6.90 -6.33 -5.03
CA GLU A 383 5.53 -6.36 -4.56
C GLU A 383 4.93 -5.18 -5.18
N PRO A 384 4.18 -5.40 -6.28
CA PRO A 384 3.90 -4.30 -7.19
C PRO A 384 2.93 -3.30 -6.54
N LEU A 385 3.10 -2.06 -6.94
CA LEU A 385 2.41 -0.88 -6.29
C LEU A 385 1.93 0.00 -7.44
N PHE A 386 0.72 0.54 -7.33
CA PHE A 386 0.11 1.30 -8.42
C PHE A 386 -0.31 2.66 -7.98
N ASP A 387 -0.72 3.47 -8.94
CA ASP A 387 -1.18 4.84 -8.72
C ASP A 387 -2.67 4.90 -8.90
N LYS A 388 -3.38 4.99 -7.80
CA LYS A 388 -4.82 4.99 -7.80
C LYS A 388 -5.40 6.15 -8.62
N THR A 389 -4.93 7.35 -8.37
CA THR A 389 -5.47 8.58 -8.95
C THR A 389 -5.24 8.60 -10.42
N ARG A 390 -4.08 8.20 -10.88
CA ARG A 390 -3.77 8.23 -12.30
C ARG A 390 -4.72 7.30 -13.06
N LEU A 391 -5.00 6.14 -12.46
CA LEU A 391 -5.93 5.24 -13.11
C LEU A 391 -7.34 5.80 -13.18
N HIS A 392 -7.82 6.35 -12.09
CA HIS A 392 -9.13 6.97 -12.06
C HIS A 392 -9.26 8.15 -12.99
N GLU A 393 -8.26 9.01 -12.99
CA GLU A 393 -8.36 10.24 -13.80
C GLU A 393 -8.07 10.02 -15.26
N SER A 394 -7.14 9.17 -15.65
CA SER A 394 -6.73 9.10 -17.08
CA SER A 394 -6.73 9.10 -17.08
C SER A 394 -6.88 7.73 -17.71
N GLY A 395 -7.28 6.72 -16.92
CA GLY A 395 -7.39 5.36 -17.51
C GLY A 395 -6.02 4.79 -17.84
N ILE A 396 -4.98 5.24 -17.15
CA ILE A 396 -3.64 4.71 -17.28
C ILE A 396 -3.31 3.94 -15.97
N LEU A 397 -2.93 2.68 -16.09
CA LEU A 397 -2.51 1.87 -14.95
C LEU A 397 -1.00 2.02 -14.89
N SER A 398 -0.47 2.66 -13.84
CA SER A 398 0.90 3.03 -13.71
C SER A 398 1.44 2.27 -12.48
N VAL A 399 2.46 1.48 -12.67
CA VAL A 399 2.94 0.50 -11.67
C VAL A 399 4.40 0.70 -11.41
N PHE A 400 4.79 0.74 -10.14
CA PHE A 400 6.17 0.87 -9.68
C PHE A 400 6.69 -0.49 -9.28
N VAL A 401 7.86 -0.85 -9.83
CA VAL A 401 8.46 -2.16 -9.69
C VAL A 401 9.94 -2.16 -9.57
N ARG A 402 10.41 -3.08 -8.71
CA ARG A 402 11.84 -3.48 -8.59
C ARG A 402 12.05 -4.68 -9.52
N GLN A 403 13.08 -4.58 -10.35
CA GLN A 403 13.37 -5.68 -11.26
C GLN A 403 13.83 -6.88 -10.55
N ALA A 404 13.93 -7.99 -11.28
CA ALA A 404 14.71 -9.13 -10.81
C ALA A 404 16.15 -8.98 -11.29
N GLY A 405 16.96 -9.94 -10.99
CA GLY A 405 18.36 -9.80 -11.38
C GLY A 405 19.22 -9.26 -10.29
N GLY A 406 20.50 -9.14 -10.58
CA GLY A 406 21.49 -8.79 -9.61
C GLY A 406 21.87 -7.32 -9.56
N PHE A 407 22.29 -6.82 -8.44
CA PHE A 407 22.86 -5.47 -8.35
C PHE A 407 24.15 -5.46 -9.21
N PRO A 408 24.42 -4.40 -9.97
CA PRO A 408 23.68 -3.14 -10.12
C PRO A 408 22.86 -3.15 -11.38
N ASP A 409 22.54 -4.31 -11.94
CA ASP A 409 21.70 -4.37 -13.21
C ASP A 409 20.23 -4.15 -12.85
N ARG A 410 19.86 -4.47 -11.62
CA ARG A 410 18.46 -4.47 -11.18
C ARG A 410 17.96 -3.04 -10.96
N LYS A 411 17.05 -2.66 -11.79
CA LYS A 411 16.53 -1.28 -11.79
C LYS A 411 15.16 -1.16 -11.15
N LEU A 412 14.82 0.07 -10.81
CA LEU A 412 13.48 0.52 -10.42
C LEU A 412 12.84 1.10 -11.66
N GLN A 413 11.59 0.77 -11.89
CA GLN A 413 10.86 1.22 -13.06
C GLN A 413 9.43 1.61 -12.75
N VAL A 414 8.86 2.43 -13.63
CA VAL A 414 7.42 2.69 -13.69
C VAL A 414 6.95 2.28 -15.03
N TRP A 415 5.93 1.43 -15.03
CA TRP A 415 5.24 0.91 -16.24
C TRP A 415 3.89 1.53 -16.34
N ASP A 416 3.54 2.07 -17.51
CA ASP A 416 2.24 2.63 -17.80
C ASP A 416 1.50 1.87 -18.88
N PHE A 417 0.37 1.33 -18.50
CA PHE A 417 -0.51 0.60 -19.38
C PHE A 417 -1.69 1.51 -19.68
N GLU A 418 -1.72 2.15 -20.85
CA GLU A 418 -2.85 2.99 -21.24
C GLU A 418 -4.07 2.15 -21.67
N LEU A 419 -5.15 2.18 -20.92
CA LEU A 419 -6.25 1.23 -21.10
C LEU A 419 -7.27 1.83 -22.00
N ASP A 420 -7.91 0.98 -22.78
CA ASP A 420 -8.90 1.38 -23.77
C ASP A 420 -10.27 1.46 -23.09
N LEU A 421 -10.41 2.29 -22.06
CA LEU A 421 -11.58 2.29 -21.19
C LEU A 421 -12.70 3.04 -21.91
C1 NAG B . -22.14 -10.62 10.86
C2 NAG B . -23.38 -11.52 10.67
C3 NAG B . -22.99 -12.97 10.47
C4 NAG B . -21.93 -13.09 9.35
C5 NAG B . -20.78 -12.09 9.62
C6 NAG B . -19.69 -12.06 8.58
C7 NAG B . -25.44 -10.72 11.68
C8 NAG B . -26.27 -10.72 12.94
N2 NAG B . -24.31 -11.41 11.80
O3 NAG B . -24.09 -13.76 9.99
O4 NAG B . -21.41 -14.43 9.35
O5 NAG B . -21.33 -10.81 9.70
O6 NAG B . -20.15 -11.88 7.28
O7 NAG B . -25.78 -10.10 10.66
C1 NAG B . -21.44 -15.11 8.11
C2 NAG B . -20.52 -16.33 8.25
C3 NAG B . -20.66 -17.30 7.09
C4 NAG B . -22.17 -17.48 6.82
C5 NAG B . -22.90 -16.14 6.65
C6 NAG B . -24.40 -16.26 6.29
C7 NAG B . -18.50 -16.01 9.56
C8 NAG B . -17.06 -15.57 9.41
N2 NAG B . -19.12 -15.95 8.42
O3 NAG B . -19.98 -18.49 7.51
O4 NAG B . -22.28 -18.06 5.52
O5 NAG B . -22.81 -15.50 7.88
O6 NAG B . -24.86 -17.07 7.35
O7 NAG B . -18.97 -16.23 10.66
C1 BMA B . -22.71 -19.43 5.56
C2 BMA B . -22.90 -19.91 4.13
C3 BMA B . -23.54 -21.29 4.16
C4 BMA B . -22.97 -22.25 5.20
C5 BMA B . -22.40 -21.59 6.49
C6 BMA B . -21.40 -22.48 7.27
O2 BMA B . -21.67 -20.06 3.45
O3 BMA B . -23.47 -21.92 2.86
O4 BMA B . -24.09 -23.07 5.53
O5 BMA B . -21.78 -20.32 6.19
O6 BMA B . -22.07 -22.93 8.45
C1 MAN B . -24.82 -22.07 2.36
C2 MAN B . -24.91 -22.94 1.09
C3 MAN B . -24.06 -22.21 0.02
C4 MAN B . -24.67 -20.83 -0.23
C5 MAN B . -24.73 -20.02 1.08
C6 MAN B . -25.50 -18.70 0.96
O2 MAN B . -26.29 -23.18 0.70
O3 MAN B . -23.94 -22.97 -1.18
O4 MAN B . -23.86 -20.15 -1.17
O5 MAN B . -25.37 -20.77 2.11
O6 MAN B . -24.90 -17.92 -0.07
C1 RAM C . 6.04 -9.14 8.18
C2 RAM C . 6.30 -8.26 7.03
C3 RAM C . 7.36 -8.89 6.10
C4 RAM C . 6.87 -10.24 5.65
C5 RAM C . 6.55 -11.11 6.89
C6 RAM C . 5.86 -12.39 6.46
O1 RAM C . 7.20 -9.28 8.95
O2 RAM C . 5.08 -8.09 6.26
O3 RAM C . 7.53 -8.01 4.92
O4 RAM C . 7.93 -10.86 4.92
O5 RAM C . 5.62 -10.43 7.69
C ACT D . 7.01 -7.62 12.18
O ACT D . 5.86 -7.38 11.79
OXT ACT D . 7.74 -6.96 12.90
CH3 ACT D . 7.54 -8.85 11.69
NA NA E . 1.90 -13.28 20.78
#